data_6O2W
#
_entry.id   6O2W
#
_cell.length_a   24.910
_cell.length_b   30.790
_cell.length_c   76.140
_cell.angle_alpha   88.580
_cell.angle_beta   86.030
_cell.angle_gamma   89.790
#
_symmetry.space_group_name_H-M   'P 1'
#
loop_
_entity.id
_entity.type
_entity.pdbx_description
1 polymer 'Store-operated calcium entry-associated regulatory factor'
2 non-polymer GLYCEROL
3 water water
#
_entity_poly.entity_id   1
_entity_poly.type   'polypeptide(L)'
_entity_poly.pdbx_seq_one_letter_code
;GWNDPDRMLLRDVKALTLHYDRYTTSRRLDPIPQLKCVGGTAGCDSYTPKVIQCQNKGWDGYDVQWECCTDLDIAYKFGK
TVVSCEGYESSEDQYVLRGSCGLEYNLDYTELGLQKLKESGKQHGFCSFSDYYYK
;
_entity_poly.pdbx_strand_id   A,B
#
loop_
_chem_comp.id
_chem_comp.type
_chem_comp.name
_chem_comp.formula
GOL non-polymer GLYCEROL 'C3 H8 O3'
#
# COMPACT_ATOMS: atom_id res chain seq x y z
N PRO A 5 6.63 8.47 39.78
CA PRO A 5 7.88 8.06 39.13
C PRO A 5 8.04 8.65 37.73
N ASP A 6 8.16 9.98 37.64
CA ASP A 6 8.29 10.62 36.34
C ASP A 6 9.73 10.62 35.82
N ARG A 7 10.72 10.68 36.69
CA ARG A 7 12.10 10.62 36.24
C ARG A 7 12.63 9.22 36.45
N MET A 8 13.47 8.77 35.53
CA MET A 8 14.08 7.46 35.63
C MET A 8 15.51 7.51 35.15
N LEU A 9 16.36 6.77 35.83
CA LEU A 9 17.76 6.69 35.45
C LEU A 9 17.87 5.90 34.16
N LEU A 10 18.56 6.46 33.18
CA LEU A 10 18.65 5.81 31.88
C LEU A 10 19.26 4.42 32.00
N ARG A 11 20.28 4.26 32.83
CA ARG A 11 21.02 3.00 32.90
C ARG A 11 20.19 1.88 33.53
N ASP A 12 19.11 2.21 34.23
CA ASP A 12 18.27 1.19 34.83
C ASP A 12 17.14 0.74 33.91
N VAL A 13 17.05 1.28 32.69
CA VAL A 13 16.02 0.89 31.74
C VAL A 13 16.52 -0.30 30.94
N LYS A 14 15.88 -1.46 31.14
CA LYS A 14 16.23 -2.64 30.36
C LYS A 14 16.00 -2.41 28.87
N ALA A 15 14.80 -1.97 28.48
CA ALA A 15 14.41 -2.04 27.08
C ALA A 15 13.33 -1.01 26.76
N LEU A 16 13.27 -0.64 25.48
CA LEU A 16 12.28 0.28 24.96
C LEU A 16 11.48 -0.41 23.87
N THR A 17 10.16 -0.17 23.85
CA THR A 17 9.25 -0.69 22.83
C THR A 17 8.57 0.50 22.17
N LEU A 18 8.95 0.83 20.95
CA LEU A 18 8.57 2.08 20.31
C LEU A 18 7.62 1.80 19.14
N HIS A 19 6.52 2.56 19.07
CA HIS A 19 5.43 2.35 18.14
C HIS A 19 5.34 3.50 17.14
N TYR A 20 5.06 3.16 15.88
CA TYR A 20 4.95 4.20 14.86
C TYR A 20 3.74 5.09 15.07
N ASP A 21 2.76 4.67 15.88
CA ASP A 21 1.49 5.37 16.04
C ASP A 21 1.29 5.96 17.43
N ARG A 22 2.33 5.97 18.27
CA ARG A 22 2.28 6.65 19.55
C ARG A 22 3.32 7.76 19.61
N TYR A 23 3.06 8.73 20.47
CA TYR A 23 3.93 9.89 20.61
C TYR A 23 4.74 9.80 21.90
N THR A 24 5.91 10.43 21.88
CA THR A 24 6.72 10.61 23.06
C THR A 24 6.06 11.58 24.03
N THR A 25 6.44 11.46 25.30
CA THR A 25 6.14 12.45 26.34
C THR A 25 7.13 13.60 26.25
N SER A 26 6.70 14.78 26.70
CA SER A 26 7.64 15.90 26.72
C SER A 26 7.20 16.92 27.75
N ARG A 27 8.19 17.62 28.30
CA ARG A 27 7.94 18.83 29.07
C ARG A 27 8.52 20.05 28.38
N ARG A 28 9.83 20.06 28.13
CA ARG A 28 10.46 21.23 27.54
C ARG A 28 10.24 21.28 26.03
N LEU A 29 10.03 20.14 25.38
CA LEU A 29 10.02 20.06 23.94
C LEU A 29 8.59 19.83 23.44
N ASP A 30 8.48 19.32 22.23
CA ASP A 30 7.22 18.92 21.61
C ASP A 30 7.17 17.40 21.44
N PRO A 31 6.05 16.78 21.77
CA PRO A 31 5.93 15.33 21.57
C PRO A 31 6.02 14.97 20.09
N ILE A 32 6.79 13.93 19.80
CA ILE A 32 7.02 13.45 18.43
C ILE A 32 6.74 11.96 18.40
N PRO A 33 6.57 11.40 17.20
CA PRO A 33 6.33 9.94 17.10
C PRO A 33 7.47 9.16 17.73
N GLN A 34 7.12 8.12 18.49
CA GLN A 34 8.12 7.25 19.10
C GLN A 34 9.06 6.64 18.07
N LEU A 35 8.62 6.55 16.83
CA LEU A 35 9.32 5.83 15.78
C LEU A 35 9.11 6.61 14.51
N LYS A 36 10.18 7.03 13.85
CA LYS A 36 10.02 7.85 12.67
C LYS A 36 11.17 7.61 11.70
N CYS A 37 10.81 7.39 10.45
CA CYS A 37 11.78 7.27 9.36
C CYS A 37 12.17 8.64 8.87
N VAL A 38 13.46 8.83 8.61
CA VAL A 38 13.94 10.18 8.26
C VAL A 38 14.91 10.15 7.09
N GLY A 39 15.03 9.01 6.42
CA GLY A 39 15.86 8.96 5.23
C GLY A 39 16.27 7.55 4.89
N GLY A 40 17.31 7.44 4.07
CA GLY A 40 17.84 6.18 3.59
C GLY A 40 17.54 5.97 2.11
N THR A 41 18.22 4.96 1.55
CA THR A 41 18.15 4.72 0.10
C THR A 41 16.80 4.17 -0.33
N ALA A 42 16.01 3.65 0.61
CA ALA A 42 14.66 3.24 0.28
C ALA A 42 13.64 4.35 0.49
N GLY A 43 13.98 5.38 1.27
CA GLY A 43 13.03 6.41 1.62
C GLY A 43 11.97 5.89 2.59
N CYS A 44 11.04 6.78 2.91
CA CYS A 44 10.04 6.53 3.93
C CYS A 44 8.61 6.54 3.41
N ASP A 45 8.40 6.76 2.12
CA ASP A 45 7.04 6.83 1.60
C ASP A 45 6.38 5.46 1.49
N SER A 46 7.17 4.38 1.51
CA SER A 46 6.65 3.04 1.23
C SER A 46 6.63 2.17 2.48
N TYR A 47 7.44 1.12 2.48
CA TYR A 47 7.51 0.20 3.60
C TYR A 47 8.13 0.88 4.81
N THR A 48 7.56 0.63 6.00
CA THR A 48 8.10 1.09 7.28
C THR A 48 7.68 0.15 8.40
N PRO A 49 8.57 -0.17 9.33
CA PRO A 49 8.18 -0.99 10.48
C PRO A 49 7.24 -0.22 11.40
N LYS A 50 6.40 -0.98 12.12
CA LYS A 50 5.44 -0.38 13.04
C LYS A 50 5.87 -0.46 14.51
N VAL A 51 6.73 -1.42 14.87
CA VAL A 51 7.19 -1.62 16.24
C VAL A 51 8.66 -1.99 16.16
N ILE A 52 9.48 -1.37 17.01
CA ILE A 52 10.91 -1.67 17.09
C ILE A 52 11.32 -1.77 18.55
N GLN A 53 12.14 -2.78 18.86
CA GLN A 53 12.56 -3.04 20.24
C GLN A 53 14.04 -2.77 20.39
N CYS A 54 14.39 -1.93 21.35
CA CYS A 54 15.77 -1.58 21.66
C CYS A 54 16.12 -2.13 23.03
N GLN A 55 17.27 -2.79 23.13
CA GLN A 55 17.72 -3.36 24.38
C GLN A 55 18.95 -2.60 24.88
N ASN A 56 18.98 -2.33 26.17
CA ASN A 56 20.12 -1.67 26.80
C ASN A 56 21.32 -2.61 26.77
N LYS A 57 22.41 -2.19 26.13
CA LYS A 57 23.59 -3.02 25.94
C LYS A 57 24.82 -2.52 26.69
N GLY A 58 24.68 -1.55 27.59
CA GLY A 58 25.79 -1.06 28.39
C GLY A 58 25.81 0.45 28.49
N TRP A 59 26.57 0.94 29.47
CA TRP A 59 26.70 2.37 29.75
C TRP A 59 28.10 2.84 29.46
N ASP A 60 28.28 4.17 29.46
CA ASP A 60 29.57 4.77 29.11
C ASP A 60 30.21 5.47 30.30
N ASP A 63 25.37 8.02 28.36
CA ASP A 63 25.41 7.41 27.04
C ASP A 63 25.29 5.88 27.06
N VAL A 64 24.08 5.41 27.34
CA VAL A 64 23.78 3.99 27.19
C VAL A 64 23.88 3.58 25.73
N GLN A 65 24.39 2.37 25.46
CA GLN A 65 24.41 1.80 24.11
C GLN A 65 23.12 1.01 23.86
N TRP A 66 22.34 1.46 22.89
CA TRP A 66 21.12 0.76 22.49
C TRP A 66 21.37 -0.08 21.26
N GLU A 67 20.79 -1.29 21.24
CA GLU A 67 20.67 -2.12 20.04
C GLU A 67 19.18 -2.24 19.70
N CYS A 68 18.78 -1.71 18.54
CA CYS A 68 17.38 -1.67 18.15
C CYS A 68 17.12 -2.65 17.00
N CYS A 69 16.20 -3.60 17.23
CA CYS A 69 15.93 -4.67 16.30
C CYS A 69 14.47 -4.70 15.89
N THR A 70 14.23 -5.17 14.65
CA THR A 70 12.89 -5.41 14.17
C THR A 70 12.96 -6.40 13.02
N ASP A 71 11.81 -6.97 12.67
CA ASP A 71 11.70 -7.83 11.50
C ASP A 71 11.44 -6.97 10.28
N LEU A 72 12.34 -7.06 9.31
CA LEU A 72 12.26 -6.29 8.09
C LEU A 72 12.18 -7.21 6.89
N ASP A 73 11.43 -6.78 5.88
CA ASP A 73 11.44 -7.48 4.61
C ASP A 73 12.86 -7.46 4.05
N ILE A 74 13.32 -8.60 3.51
CA ILE A 74 14.73 -8.79 3.22
C ILE A 74 15.24 -7.82 2.14
N ALA A 75 14.34 -7.00 1.61
CA ALA A 75 14.69 -5.94 0.67
C ALA A 75 15.14 -4.66 1.38
N TYR A 76 14.98 -4.58 2.70
CA TYR A 76 15.27 -3.37 3.45
C TYR A 76 16.21 -3.67 4.60
N LYS A 77 17.03 -2.70 4.96
CA LYS A 77 17.95 -2.80 6.06
C LYS A 77 17.99 -1.44 6.75
N PHE A 78 18.43 -1.42 8.00
CA PHE A 78 18.56 -0.17 8.71
C PHE A 78 19.86 0.51 8.36
N GLY A 79 19.78 1.81 8.20
CA GLY A 79 20.91 2.65 7.95
C GLY A 79 21.18 3.17 9.35
N LYS A 80 21.66 4.39 9.49
CA LYS A 80 21.95 4.93 10.82
C LYS A 80 20.67 5.04 11.64
N THR A 81 20.79 4.82 12.95
CA THR A 81 19.67 4.96 13.87
C THR A 81 20.11 5.69 15.13
N VAL A 82 19.28 6.63 15.58
CA VAL A 82 19.57 7.40 16.78
C VAL A 82 18.40 7.29 17.75
N VAL A 83 18.70 6.92 18.98
CA VAL A 83 17.77 7.00 20.11
C VAL A 83 18.03 8.31 20.83
N SER A 84 16.97 9.04 21.15
CA SER A 84 17.11 10.21 22.02
C SER A 84 15.98 10.24 23.04
N CYS A 85 16.30 10.66 24.26
CA CYS A 85 15.31 10.86 25.31
C CYS A 85 15.47 12.26 25.89
N GLU A 86 14.43 12.73 26.56
CA GLU A 86 14.44 14.07 27.14
C GLU A 86 15.08 14.04 28.53
N GLY A 87 16.15 14.81 28.71
CA GLY A 87 16.69 14.96 30.05
C GLY A 87 15.65 15.56 30.99
N TYR A 88 15.57 15.00 32.20
CA TYR A 88 14.44 15.31 33.07
C TYR A 88 14.44 16.78 33.51
N GLU A 89 15.51 17.22 34.17
CA GLU A 89 15.57 18.60 34.65
C GLU A 89 16.21 19.54 33.65
N SER A 90 17.04 19.03 32.75
CA SER A 90 17.58 19.80 31.64
C SER A 90 18.14 18.81 30.64
N SER A 91 18.60 19.33 29.50
CA SER A 91 19.17 18.43 28.51
C SER A 91 20.52 17.87 28.95
N GLU A 92 21.09 18.37 30.04
CA GLU A 92 22.33 17.86 30.61
C GLU A 92 22.09 16.95 31.81
N ASP A 93 20.85 16.52 32.04
CA ASP A 93 20.50 15.71 33.19
C ASP A 93 20.84 14.24 32.93
N GLN A 94 21.06 13.49 34.01
CA GLN A 94 21.32 12.06 33.91
C GLN A 94 20.05 11.23 34.02
N TYR A 95 18.99 11.79 34.57
CA TYR A 95 17.66 11.20 34.56
C TYR A 95 16.91 11.68 33.32
N VAL A 96 15.97 10.86 32.86
CA VAL A 96 15.18 11.20 31.68
C VAL A 96 13.69 11.11 32.04
N LEU A 97 12.89 11.86 31.29
CA LEU A 97 11.45 11.86 31.51
C LEU A 97 10.85 10.54 31.05
N ARG A 98 9.91 10.03 31.84
CA ARG A 98 9.31 8.73 31.58
C ARG A 98 8.51 8.77 30.28
N GLY A 99 8.81 7.82 29.38
CA GLY A 99 8.15 7.77 28.09
C GLY A 99 8.61 8.80 27.08
N SER A 100 9.73 9.48 27.32
CA SER A 100 10.22 10.51 26.40
C SER A 100 11.09 9.96 25.28
N CYS A 101 11.48 8.70 25.33
CA CYS A 101 12.47 8.19 24.37
C CYS A 101 11.83 7.95 23.01
N GLY A 102 12.58 8.28 21.95
CA GLY A 102 12.16 8.00 20.59
C GLY A 102 13.33 7.58 19.73
N LEU A 103 13.01 6.98 18.58
CA LEU A 103 14.00 6.48 17.64
C LEU A 103 13.75 7.02 16.24
N GLU A 104 14.78 7.58 15.62
CA GLU A 104 14.78 7.93 14.21
C GLU A 104 15.67 6.93 13.48
N TYR A 105 15.26 6.54 12.27
CA TYR A 105 16.00 5.53 11.52
C TYR A 105 16.00 5.88 10.05
N ASN A 106 17.08 5.48 9.38
CA ASN A 106 17.17 5.46 7.92
C ASN A 106 16.91 4.04 7.41
N LEU A 107 16.11 3.95 6.36
CA LEU A 107 15.78 2.68 5.74
C LEU A 107 16.49 2.59 4.39
N ASP A 108 17.38 1.61 4.25
CA ASP A 108 18.13 1.38 3.02
C ASP A 108 17.61 0.15 2.28
N TYR A 109 17.88 0.09 0.98
CA TYR A 109 17.72 -1.15 0.24
C TYR A 109 18.91 -2.05 0.48
N THR A 110 18.64 -3.31 0.81
CA THR A 110 19.67 -4.34 0.82
C THR A 110 20.19 -4.58 -0.60
N GLU A 111 21.20 -5.44 -0.69
CA GLU A 111 21.69 -5.82 -2.00
C GLU A 111 20.59 -6.51 -2.81
N LEU A 112 19.80 -7.37 -2.16
CA LEU A 112 18.67 -7.98 -2.83
C LEU A 112 17.58 -6.97 -3.15
N GLY A 113 17.29 -6.07 -2.22
CA GLY A 113 16.33 -5.00 -2.49
C GLY A 113 16.68 -4.21 -3.74
N LEU A 114 17.98 -3.96 -3.94
CA LEU A 114 18.42 -3.22 -5.12
C LEU A 114 18.15 -3.99 -6.40
N GLN A 115 18.46 -5.30 -6.41
CA GLN A 115 18.22 -6.13 -7.58
C GLN A 115 16.72 -6.28 -7.87
N LYS A 116 15.92 -6.33 -6.80
CA LYS A 116 14.47 -6.33 -6.96
C LYS A 116 13.95 -4.98 -7.44
N LEU A 117 14.58 -3.88 -7.00
CA LEU A 117 14.20 -2.58 -7.54
C LEU A 117 14.42 -2.53 -9.04
N LYS A 118 15.53 -3.10 -9.51
CA LYS A 118 15.87 -3.05 -10.94
C LYS A 118 14.81 -3.70 -11.81
N GLU A 119 14.14 -4.74 -11.29
CA GLU A 119 13.17 -5.51 -12.05
C GLU A 119 11.74 -5.19 -11.67
N SER A 120 11.50 -4.09 -10.96
CA SER A 120 10.17 -3.73 -10.49
C SER A 120 9.59 -2.58 -11.31
N GLY A 121 8.35 -2.23 -11.02
CA GLY A 121 7.70 -1.11 -11.65
C GLY A 121 7.39 -1.25 -13.14
N LYS A 122 7.73 -2.38 -13.76
CA LYS A 122 7.47 -2.55 -15.17
C LYS A 122 6.00 -2.87 -15.41
N GLN A 123 5.44 -2.29 -16.46
CA GLN A 123 4.03 -2.47 -16.78
C GLN A 123 3.87 -2.93 -18.23
N HIS A 124 2.71 -3.51 -18.51
CA HIS A 124 2.36 -3.88 -19.88
C HIS A 124 0.92 -3.53 -20.14
N GLY A 125 0.61 -3.20 -21.40
CA GLY A 125 -0.76 -3.01 -21.82
C GLY A 125 -1.44 -4.36 -21.91
N PHE A 126 -2.51 -4.54 -21.14
CA PHE A 126 -3.24 -5.80 -21.14
C PHE A 126 -4.68 -5.52 -21.56
N CYS A 127 -5.15 -6.29 -22.55
CA CYS A 127 -6.51 -6.19 -23.05
C CYS A 127 -7.27 -7.47 -22.80
N SER A 128 -8.59 -7.35 -22.67
CA SER A 128 -9.43 -8.51 -22.46
C SER A 128 -10.73 -8.31 -23.23
N PHE A 129 -11.15 -9.36 -23.95
CA PHE A 129 -12.42 -9.35 -24.66
C PHE A 129 -13.50 -9.72 -23.66
N SER A 130 -14.28 -8.72 -23.24
CA SER A 130 -15.22 -8.93 -22.16
C SER A 130 -16.49 -9.62 -22.67
N ASP A 131 -17.09 -10.40 -21.79
CA ASP A 131 -18.47 -10.83 -21.96
C ASP A 131 -19.41 -9.67 -21.61
N TYR A 132 -20.61 -9.71 -22.18
CA TYR A 132 -21.62 -8.70 -21.93
C TYR A 132 -22.93 -9.37 -21.53
N TYR A 133 -23.60 -8.82 -20.53
CA TYR A 133 -24.99 -9.19 -20.30
C TYR A 133 -25.81 -7.95 -19.97
N TYR A 134 -27.03 -7.93 -20.49
CA TYR A 134 -27.97 -6.88 -20.13
C TYR A 134 -28.49 -7.15 -18.73
N LYS A 135 -28.47 -6.13 -17.90
CA LYS A 135 -29.16 -6.21 -16.63
C LYS A 135 -30.41 -5.32 -16.72
N PRO B 5 -32.24 11.56 -24.76
CA PRO B 5 -32.15 11.93 -23.34
C PRO B 5 -31.16 11.06 -22.56
N ASP B 6 -31.68 10.32 -21.57
CA ASP B 6 -30.90 9.38 -20.76
C ASP B 6 -30.93 7.97 -21.33
N ARG B 7 -31.19 7.85 -22.63
CA ARG B 7 -31.56 6.58 -23.24
C ARG B 7 -30.79 6.47 -24.54
N MET B 8 -30.02 5.39 -24.72
CA MET B 8 -29.27 5.24 -25.95
C MET B 8 -29.13 3.77 -26.30
N LEU B 9 -29.08 3.49 -27.61
CA LEU B 9 -28.82 2.14 -28.09
C LEU B 9 -27.41 1.72 -27.69
N LEU B 10 -27.33 0.59 -26.98
CA LEU B 10 -26.03 -0.02 -26.70
C LEU B 10 -25.18 -0.13 -27.96
N ARG B 11 -25.82 -0.42 -29.10
CA ARG B 11 -25.11 -0.45 -30.37
C ARG B 11 -24.32 0.82 -30.63
N ASP B 12 -24.84 1.96 -30.17
CA ASP B 12 -24.21 3.24 -30.49
C ASP B 12 -23.11 3.62 -29.51
N VAL B 13 -23.01 2.93 -28.37
CA VAL B 13 -21.99 3.23 -27.36
C VAL B 13 -20.65 2.67 -27.86
N LYS B 14 -19.82 3.54 -28.44
CA LYS B 14 -18.54 3.14 -29.02
C LYS B 14 -17.43 2.96 -27.98
N ALA B 15 -17.43 3.73 -26.90
CA ALA B 15 -16.26 3.77 -26.04
C ALA B 15 -16.70 4.01 -24.60
N LEU B 16 -16.03 3.35 -23.67
CA LEU B 16 -16.30 3.51 -22.25
C LEU B 16 -15.00 3.78 -21.53
N THR B 17 -15.04 4.72 -20.58
CA THR B 17 -13.91 5.01 -19.69
C THR B 17 -14.42 4.91 -18.26
N LEU B 18 -14.06 3.84 -17.57
CA LEU B 18 -14.64 3.44 -16.30
C LEU B 18 -13.65 3.66 -15.17
N HIS B 19 -14.13 4.21 -14.06
CA HIS B 19 -13.30 4.65 -12.95
C HIS B 19 -13.57 3.83 -11.70
N TYR B 20 -12.50 3.52 -10.97
CA TYR B 20 -12.61 2.72 -9.76
C TYR B 20 -13.35 3.47 -8.65
N ASP B 21 -13.41 4.80 -8.72
CA ASP B 21 -14.01 5.61 -7.67
C ASP B 21 -15.26 6.35 -8.12
N ARG B 22 -15.86 5.96 -9.25
CA ARG B 22 -17.13 6.52 -9.70
C ARG B 22 -18.18 5.43 -9.78
N TYR B 23 -19.44 5.84 -9.65
CA TYR B 23 -20.58 4.94 -9.64
C TYR B 23 -21.38 5.03 -10.94
N THR B 24 -22.06 3.93 -11.25
CA THR B 24 -22.98 3.89 -12.38
C THR B 24 -24.26 4.65 -12.05
N THR B 25 -24.92 5.11 -13.10
CA THR B 25 -26.29 5.59 -12.96
C THR B 25 -27.24 4.38 -12.86
N SER B 26 -28.42 4.63 -12.29
CA SER B 26 -29.38 3.55 -12.14
C SER B 26 -30.80 4.11 -12.07
N ARG B 27 -31.75 3.28 -12.49
CA ARG B 27 -33.18 3.58 -12.34
C ARG B 27 -33.86 2.41 -11.66
N ARG B 28 -33.71 1.22 -12.24
CA ARG B 28 -34.33 0.01 -11.73
C ARG B 28 -33.49 -0.70 -10.68
N LEU B 29 -32.18 -0.44 -10.64
CA LEU B 29 -31.22 -1.19 -9.85
C LEU B 29 -30.63 -0.31 -8.75
N ASP B 30 -29.49 -0.72 -8.22
CA ASP B 30 -28.67 0.05 -7.30
C ASP B 30 -27.41 0.52 -8.01
N PRO B 31 -26.99 1.77 -7.81
CA PRO B 31 -25.74 2.24 -8.41
C PRO B 31 -24.55 1.48 -7.83
N ILE B 32 -23.65 1.05 -8.71
CA ILE B 32 -22.46 0.30 -8.32
C ILE B 32 -21.23 0.97 -8.93
N PRO B 33 -20.04 0.67 -8.41
CA PRO B 33 -18.81 1.26 -8.97
C PRO B 33 -18.65 0.90 -10.45
N GLN B 34 -18.14 1.86 -11.21
CA GLN B 34 -17.87 1.63 -12.63
C GLN B 34 -16.86 0.51 -12.85
N LEU B 35 -16.04 0.22 -11.84
CA LEU B 35 -14.92 -0.69 -11.99
C LEU B 35 -14.80 -1.45 -10.68
N LYS B 36 -15.01 -2.76 -10.72
CA LYS B 36 -14.91 -3.57 -9.51
C LYS B 36 -14.13 -4.85 -9.77
N CYS B 37 -13.16 -5.12 -8.91
CA CYS B 37 -12.48 -6.40 -8.90
C CYS B 37 -13.34 -7.39 -8.13
N VAL B 38 -13.51 -8.61 -8.66
CA VAL B 38 -14.40 -9.59 -8.06
C VAL B 38 -13.74 -10.93 -7.80
N GLY B 39 -12.48 -11.11 -8.20
CA GLY B 39 -11.85 -12.40 -8.03
C GLY B 39 -10.58 -12.48 -8.83
N GLY B 40 -10.14 -13.72 -9.09
CA GLY B 40 -8.85 -13.99 -9.69
C GLY B 40 -7.82 -14.45 -8.68
N THR B 41 -6.75 -15.07 -9.20
CA THR B 41 -5.75 -15.69 -8.33
C THR B 41 -4.91 -14.66 -7.58
N ALA B 42 -4.83 -13.42 -8.08
CA ALA B 42 -4.12 -12.37 -7.36
C ALA B 42 -4.97 -11.76 -6.26
N GLY B 43 -6.29 -11.90 -6.34
CA GLY B 43 -7.19 -11.29 -5.38
C GLY B 43 -7.40 -9.83 -5.67
N CYS B 44 -8.14 -9.16 -4.77
CA CYS B 44 -8.55 -7.78 -4.97
C CYS B 44 -8.09 -6.82 -3.89
N ASP B 45 -7.62 -7.32 -2.74
CA ASP B 45 -7.22 -6.50 -1.61
C ASP B 45 -5.83 -5.90 -1.77
N SER B 46 -5.26 -5.93 -2.96
CA SER B 46 -3.90 -5.43 -3.16
C SER B 46 -3.84 -4.44 -4.31
N TYR B 47 -3.16 -4.82 -5.39
CA TYR B 47 -3.03 -3.97 -6.56
C TYR B 47 -4.34 -3.95 -7.36
N THR B 48 -4.79 -2.76 -7.75
CA THR B 48 -5.97 -2.62 -8.61
C THR B 48 -5.75 -1.46 -9.57
N PRO B 49 -6.05 -1.63 -10.86
CA PRO B 49 -6.11 -0.48 -11.76
C PRO B 49 -7.24 0.46 -11.37
N LYS B 50 -7.01 1.75 -11.65
CA LYS B 50 -7.96 2.81 -11.35
C LYS B 50 -8.86 3.20 -12.52
N VAL B 51 -8.36 3.06 -13.76
CA VAL B 51 -9.09 3.49 -14.96
C VAL B 51 -8.93 2.42 -16.03
N ILE B 52 -10.05 1.99 -16.61
CA ILE B 52 -10.05 1.02 -17.69
C ILE B 52 -10.88 1.56 -18.84
N GLN B 53 -10.32 1.52 -20.04
CA GLN B 53 -11.00 1.97 -21.24
C GLN B 53 -11.46 0.76 -22.03
N CYS B 54 -12.71 0.80 -22.48
CA CYS B 54 -13.32 -0.29 -23.24
C CYS B 54 -13.79 0.25 -24.59
N GLN B 55 -13.63 -0.55 -25.63
CA GLN B 55 -13.97 -0.15 -26.99
C GLN B 55 -14.89 -1.20 -27.59
N ASN B 56 -16.01 -0.76 -28.14
CA ASN B 56 -16.98 -1.67 -28.75
C ASN B 56 -16.50 -2.06 -30.15
N LYS B 57 -16.31 -3.36 -30.37
CA LYS B 57 -15.71 -3.88 -31.60
C LYS B 57 -16.71 -4.60 -32.49
N GLY B 58 -17.99 -4.59 -32.15
CA GLY B 58 -18.99 -5.24 -32.98
C GLY B 58 -20.09 -5.84 -32.13
N TRP B 59 -21.18 -6.20 -32.81
CA TRP B 59 -22.34 -6.80 -32.18
C TRP B 59 -22.74 -8.05 -32.96
N ASP B 60 -23.37 -8.98 -32.25
CA ASP B 60 -23.80 -10.24 -32.84
C ASP B 60 -25.07 -10.76 -32.17
N ASP B 63 -23.52 -11.83 -29.57
CA ASP B 63 -23.65 -10.77 -28.59
C ASP B 63 -22.59 -9.68 -28.83
N VAL B 64 -22.86 -8.48 -28.38
CA VAL B 64 -21.95 -7.35 -28.59
C VAL B 64 -20.62 -7.65 -27.94
N GLN B 65 -19.54 -7.17 -28.54
CA GLN B 65 -18.22 -7.47 -27.98
C GLN B 65 -17.35 -6.29 -27.60
N TRP B 66 -16.92 -6.31 -26.35
CA TRP B 66 -16.10 -5.27 -25.80
C TRP B 66 -14.69 -5.71 -25.54
N GLU B 67 -13.77 -4.85 -25.90
CA GLU B 67 -12.36 -5.04 -25.59
C GLU B 67 -11.94 -3.99 -24.56
N CYS B 68 -11.57 -4.43 -23.37
CA CYS B 68 -11.23 -3.55 -22.27
C CYS B 68 -9.74 -3.66 -21.96
N CYS B 69 -9.05 -2.52 -21.97
CA CYS B 69 -7.60 -2.48 -21.86
C CYS B 69 -7.16 -1.52 -20.77
N THR B 70 -6.03 -1.82 -20.13
CA THR B 70 -5.42 -0.90 -19.20
C THR B 70 -3.95 -1.29 -19.02
N ASP B 71 -3.17 -0.38 -18.46
CA ASP B 71 -1.77 -0.69 -18.16
C ASP B 71 -1.72 -1.43 -16.82
N LEU B 72 -1.16 -2.63 -16.84
CA LEU B 72 -1.06 -3.48 -15.66
C LEU B 72 0.39 -3.74 -15.33
N ASP B 73 0.67 -3.87 -14.04
CA ASP B 73 1.99 -4.24 -13.60
C ASP B 73 2.15 -5.63 -14.22
N ILE B 74 3.33 -5.96 -14.72
CA ILE B 74 3.56 -7.22 -15.41
C ILE B 74 3.33 -8.50 -14.63
N ALA B 75 3.24 -8.38 -13.33
CA ALA B 75 2.96 -9.51 -12.50
C ALA B 75 1.48 -9.85 -12.50
N TYR B 76 0.68 -9.06 -13.19
CA TYR B 76 -0.77 -9.22 -13.15
C TYR B 76 -1.34 -9.24 -14.56
N LYS B 77 -2.44 -9.97 -14.70
CA LYS B 77 -3.15 -10.09 -15.94
C LYS B 77 -4.64 -10.19 -15.64
N PHE B 78 -5.47 -9.90 -16.62
CA PHE B 78 -6.89 -10.01 -16.45
C PHE B 78 -7.31 -11.44 -16.61
N GLY B 79 -8.32 -11.82 -15.88
CA GLY B 79 -8.95 -13.09 -15.98
C GLY B 79 -10.22 -12.77 -16.74
N LYS B 80 -11.32 -13.40 -16.41
CA LYS B 80 -12.58 -13.10 -17.08
C LYS B 80 -13.04 -11.69 -16.75
N THR B 81 -13.56 -10.97 -17.75
CA THR B 81 -14.11 -9.65 -17.54
C THR B 81 -15.51 -9.56 -18.12
N VAL B 82 -16.38 -8.81 -17.45
CA VAL B 82 -17.80 -8.74 -17.82
C VAL B 82 -18.24 -7.28 -17.81
N VAL B 83 -18.74 -6.81 -18.95
CA VAL B 83 -19.37 -5.50 -19.07
C VAL B 83 -20.89 -5.68 -19.00
N SER B 84 -21.56 -4.77 -18.31
CA SER B 84 -23.02 -4.83 -18.25
C SER B 84 -23.56 -3.43 -18.02
N CYS B 85 -24.64 -3.12 -18.74
CA CYS B 85 -25.35 -1.85 -18.60
C CYS B 85 -26.81 -2.13 -18.30
N GLU B 86 -27.48 -1.15 -17.69
CA GLU B 86 -28.90 -1.30 -17.34
C GLU B 86 -29.76 -1.01 -18.56
N GLY B 87 -30.49 -2.01 -19.04
CA GLY B 87 -31.45 -1.77 -20.10
C GLY B 87 -32.51 -0.78 -19.64
N TYR B 88 -32.90 0.12 -20.54
CA TYR B 88 -33.70 1.27 -20.13
C TYR B 88 -35.10 0.89 -19.67
N GLU B 89 -35.98 0.51 -20.60
CA GLU B 89 -37.33 0.13 -20.19
C GLU B 89 -37.34 -1.16 -19.38
N SER B 90 -36.38 -2.06 -19.63
CA SER B 90 -36.31 -3.31 -18.89
C SER B 90 -34.97 -3.98 -19.22
N SER B 91 -34.73 -5.13 -18.58
CA SER B 91 -33.51 -5.89 -18.84
C SER B 91 -33.48 -6.46 -20.26
N GLU B 92 -34.63 -6.50 -20.93
CA GLU B 92 -34.76 -6.97 -22.30
C GLU B 92 -34.51 -5.87 -23.34
N ASP B 93 -34.37 -4.62 -22.92
CA ASP B 93 -34.37 -3.49 -23.83
C ASP B 93 -33.00 -3.35 -24.49
N GLN B 94 -32.98 -3.00 -25.78
CA GLN B 94 -31.69 -2.74 -26.43
C GLN B 94 -31.20 -1.32 -26.20
N TYR B 95 -32.07 -0.43 -25.77
CA TYR B 95 -31.64 0.87 -25.26
C TYR B 95 -31.20 0.71 -23.81
N VAL B 96 -30.14 1.41 -23.46
CA VAL B 96 -29.59 1.33 -22.12
C VAL B 96 -29.59 2.73 -21.49
N LEU B 97 -29.53 2.75 -20.17
CA LEU B 97 -29.54 4.01 -19.43
C LEU B 97 -28.16 4.63 -19.50
N ARG B 98 -28.10 5.88 -19.94
CA ARG B 98 -26.83 6.56 -20.15
C ARG B 98 -26.05 6.60 -18.84
N GLY B 99 -24.79 6.21 -18.91
CA GLY B 99 -23.90 6.18 -17.75
C GLY B 99 -24.08 4.98 -16.85
N SER B 100 -24.84 3.97 -17.25
CA SER B 100 -25.09 2.82 -16.40
C SER B 100 -24.16 1.65 -16.68
N CYS B 101 -23.23 1.78 -17.60
CA CYS B 101 -22.32 0.68 -17.91
C CYS B 101 -21.22 0.57 -16.87
N GLY B 102 -20.89 -0.68 -16.51
CA GLY B 102 -19.81 -0.95 -15.57
C GLY B 102 -19.13 -2.25 -15.93
N LEU B 103 -17.93 -2.44 -15.36
CA LEU B 103 -17.07 -3.59 -15.62
C LEU B 103 -16.69 -4.27 -14.30
N GLU B 104 -16.76 -5.59 -14.26
CA GLU B 104 -16.13 -6.36 -13.19
C GLU B 104 -15.11 -7.29 -13.82
N TYR B 105 -13.99 -7.48 -13.12
CA TYR B 105 -12.86 -8.23 -13.65
C TYR B 105 -12.26 -9.11 -12.56
N ASN B 106 -11.65 -10.23 -12.99
CA ASN B 106 -10.79 -11.03 -12.14
C ASN B 106 -9.34 -10.65 -12.42
N LEU B 107 -8.54 -10.57 -11.35
CA LEU B 107 -7.14 -10.19 -11.45
C LEU B 107 -6.28 -11.41 -11.11
N ASP B 108 -5.53 -11.91 -12.09
CA ASP B 108 -4.69 -13.09 -11.94
C ASP B 108 -3.21 -12.71 -11.92
N TYR B 109 -2.40 -13.60 -11.37
CA TYR B 109 -0.95 -13.47 -11.49
C TYR B 109 -0.50 -14.00 -12.85
N THR B 110 0.45 -13.29 -13.45
CA THR B 110 1.15 -13.82 -14.61
C THR B 110 2.14 -14.90 -14.15
N GLU B 111 2.79 -15.56 -15.11
CA GLU B 111 3.90 -16.46 -14.76
C GLU B 111 5.00 -15.72 -14.03
N LEU B 112 5.31 -14.51 -14.49
CA LEU B 112 6.28 -13.67 -13.81
C LEU B 112 5.80 -13.31 -12.40
N GLY B 113 4.53 -12.94 -12.27
CA GLY B 113 3.99 -12.59 -10.97
C GLY B 113 3.99 -13.74 -10.00
N LEU B 114 3.69 -14.96 -10.49
CA LEU B 114 3.74 -16.12 -9.60
C LEU B 114 5.15 -16.36 -9.10
N GLN B 115 6.14 -16.24 -9.99
CA GLN B 115 7.54 -16.44 -9.60
C GLN B 115 8.00 -15.37 -8.60
N LYS B 116 7.58 -14.12 -8.82
CA LYS B 116 7.86 -13.09 -7.82
C LYS B 116 7.11 -13.35 -6.52
N LEU B 117 5.92 -13.96 -6.57
CA LEU B 117 5.25 -14.33 -5.33
C LEU B 117 6.05 -15.38 -4.59
N LYS B 118 6.61 -16.36 -5.31
CA LYS B 118 7.34 -17.44 -4.65
C LYS B 118 8.53 -16.94 -3.84
N GLU B 119 9.10 -15.79 -4.21
CA GLU B 119 10.27 -15.25 -3.54
C GLU B 119 9.97 -13.94 -2.80
N SER B 120 8.72 -13.74 -2.41
CA SER B 120 8.29 -12.52 -1.74
C SER B 120 7.89 -12.80 -0.30
N GLY B 121 7.66 -11.72 0.46
CA GLY B 121 7.21 -11.84 1.83
C GLY B 121 8.24 -12.35 2.83
N LYS B 122 9.47 -12.61 2.42
CA LYS B 122 10.49 -13.09 3.35
C LYS B 122 11.03 -11.95 4.19
N GLN B 123 11.28 -12.23 5.46
CA GLN B 123 11.76 -11.22 6.39
C GLN B 123 13.01 -11.72 7.11
N HIS B 124 13.83 -10.77 7.56
CA HIS B 124 14.95 -11.06 8.45
C HIS B 124 14.95 -10.12 9.65
N GLY B 125 15.42 -10.64 10.78
CA GLY B 125 15.64 -9.79 11.94
C GLY B 125 16.86 -8.90 11.71
N PHE B 126 16.66 -7.58 11.73
CA PHE B 126 17.75 -6.65 11.54
C PHE B 126 17.91 -5.81 12.79
N CYS B 127 19.14 -5.78 13.32
CA CYS B 127 19.48 -4.96 14.47
C CYS B 127 20.40 -3.82 14.05
N SER B 128 20.36 -2.75 14.82
CA SER B 128 21.22 -1.61 14.60
C SER B 128 21.67 -1.06 15.95
N PHE B 129 22.97 -0.84 16.09
CA PHE B 129 23.53 -0.24 17.29
C PHE B 129 23.36 1.27 17.18
N SER B 130 22.30 1.77 17.78
CA SER B 130 21.96 3.14 17.70
C SER B 130 22.88 4.11 18.37
N ASP B 131 22.90 5.30 17.80
CA ASP B 131 23.62 6.40 18.35
C ASP B 131 22.67 6.95 19.40
N TYR B 132 23.16 7.71 20.35
CA TYR B 132 22.30 8.29 21.34
C TYR B 132 22.65 9.71 21.73
N TYR B 133 21.65 10.50 22.07
CA TYR B 133 21.89 11.83 22.63
C TYR B 133 20.69 12.25 23.45
N TYR B 134 20.95 13.07 24.48
CA TYR B 134 19.90 13.69 25.27
C TYR B 134 19.30 14.87 24.53
N LYS B 135 17.97 14.95 24.50
CA LYS B 135 17.31 16.13 23.99
C LYS B 135 16.80 16.95 25.17
C1 GOL C . 24.28 0.61 13.23
O1 GOL C . 24.37 -0.77 13.55
C2 GOL C . 24.81 0.84 11.81
O2 GOL C . 25.69 1.94 11.85
C3 GOL C . 23.64 1.18 10.87
O3 GOL C . 22.48 0.42 11.19
#